data_4ZHA
#
_entry.id   4ZHA
#
_cell.length_a   56.516
_cell.length_b   72.232
_cell.length_c   79.414
_cell.angle_alpha   90.000
_cell.angle_beta   90.000
_cell.angle_gamma   90.000
#
_symmetry.space_group_name_H-M   'P 21 21 21'
#
loop_
_entity.id
_entity.type
_entity.pdbx_description
1 polymer 'Coagulation factor X'
2 polymer 'Coagulation factor X'
3 non-polymer 'CALCIUM ION'
4 non-polymer 'MAGNESIUM ION'
5 non-polymer 4-[(3S)-3-({[(E)-2-(5-chlorothiophen-2-yl)ethenyl]sulfonyl}amino)-2-oxo-2,3-dihydro-1H-pyrrol-1-yl]-3-fluoro-N-methylbenzamide
6 water water
#
loop_
_entity_poly.entity_id
_entity_poly.type
_entity_poly.pdbx_seq_one_letter_code
_entity_poly.pdbx_strand_id
1 'polypeptide(L)'
;IVGGQECKDGECPWQALLINEENEGFCGGTILSEFYILTAAHCLYQAKRFKVRVGDRNTEQEEGGEAVHEVEVVIKHNRF
TKETYDFDIAVLRLKTPITFRMNVAPACLPERDWAESTLMTQKTGIVSGFGRTHEKGRQSTRLKMLEVPYVDRNSCKLSS
SFIITQNMFCAGYDTKQEDACQGDSGGPHVTRFKDTYFVTGIVSWGEGCARKGKYGIYTKVTAFLKWIDRSMKTRGLPKA
KSHAPEVITSSPLK
;
A
2 'polypeptide(L)'
;EEMKKGHLERECMEETCSYEEAREVFEDSDKTNEFWNKYKDGDQCETSPCQNQGKCKDGLGEYTCTCLEGFEGKNCELFT
RKLCSLDNGDCDQFCHEEQNSVVCSCARGYTLADNGKACIPTGPYPCGKQTLER
;
B
#
# COMPACT_ATOMS: atom_id res chain seq x y z
N ILE A 1 -9.61 8.50 -5.95
CA ILE A 1 -10.56 7.48 -5.42
C ILE A 1 -12.01 7.83 -5.83
N VAL A 2 -12.67 6.89 -6.50
CA VAL A 2 -14.07 7.01 -6.93
C VAL A 2 -14.89 6.30 -5.88
N GLY A 3 -15.81 7.03 -5.25
CA GLY A 3 -16.61 6.46 -4.15
C GLY A 3 -15.80 6.43 -2.87
N GLY A 4 -16.12 5.50 -1.97
CA GLY A 4 -15.40 5.36 -0.71
C GLY A 4 -15.75 6.43 0.32
N GLN A 5 -14.79 6.71 1.19
CA GLN A 5 -14.97 7.66 2.28
C GLN A 5 -13.72 8.52 2.53
N GLU A 6 -13.87 9.60 3.29
CA GLU A 6 -12.72 10.41 3.66
C GLU A 6 -11.90 9.67 4.67
N CYS A 7 -10.57 9.75 4.56
CA CYS A 7 -9.74 9.24 5.65
C CYS A 7 -9.89 10.21 6.79
N LYS A 8 -10.34 9.69 7.92
CA LYS A 8 -10.50 10.49 9.11
C LYS A 8 -9.17 10.61 9.84
N ASP A 9 -9.14 11.50 10.84
CA ASP A 9 -7.94 11.82 11.60
C ASP A 9 -7.19 10.56 12.02
N GLY A 10 -5.97 10.41 11.51
CA GLY A 10 -5.12 9.27 11.87
C GLY A 10 -5.39 7.89 11.26
N GLU A 11 -6.32 7.81 10.31
CA GLU A 11 -6.73 6.49 9.77
C GLU A 11 -5.91 5.98 8.61
N CYS A 12 -5.19 6.89 7.95
CA CYS A 12 -4.40 6.55 6.76
C CYS A 12 -3.00 7.14 6.93
N PRO A 13 -2.34 6.83 8.06
CA PRO A 13 -1.07 7.54 8.35
C PRO A 13 0.13 7.20 7.46
N TRP A 14 0.07 6.09 6.73
CA TRP A 14 1.13 5.64 5.79
C TRP A 14 1.02 6.21 4.40
N GLN A 15 0.01 7.05 4.16
CA GLN A 15 -0.16 7.68 2.84
C GLN A 15 0.99 8.66 2.57
N ALA A 16 1.58 8.55 1.37
CA ALA A 16 2.56 9.53 0.92
C ALA A 16 2.05 10.09 -0.40
N LEU A 17 2.47 11.31 -0.73
CA LEU A 17 2.11 11.92 -2.03
C LEU A 17 3.34 12.44 -2.75
N LEU A 18 3.49 12.07 -4.03
CA LEU A 18 4.60 12.55 -4.80
C LEU A 18 4.11 13.86 -5.43
N ILE A 19 4.85 14.93 -5.14
CA ILE A 19 4.47 16.27 -5.57
C ILE A 19 5.51 16.81 -6.53
N ASN A 20 5.04 17.49 -7.59
CA ASN A 20 5.94 18.04 -8.61
C ASN A 20 6.43 19.44 -8.21
N GLU A 21 7.26 20.01 -9.08
CA GLU A 21 7.84 21.36 -8.93
C GLU A 21 6.79 22.44 -8.58
N GLU A 22 5.52 22.18 -8.87
CA GLU A 22 4.44 23.13 -8.56
C GLU A 22 3.65 22.75 -7.30
N ASN A 23 4.21 21.83 -6.52
CA ASN A 23 3.61 21.35 -5.26
C ASN A 23 2.24 20.69 -5.43
N GLU A 24 2.04 20.04 -6.57
CA GLU A 24 0.82 19.31 -6.85
C GLU A 24 1.11 17.81 -6.97
N GLY A 25 0.25 17.02 -6.35
CA GLY A 25 0.42 15.58 -6.36
C GLY A 25 0.12 14.97 -7.71
N PHE A 26 0.88 13.96 -8.06
CA PHE A 26 0.66 13.26 -9.33
C PHE A 26 0.65 11.74 -9.14
N CYS A 27 1.06 11.27 -7.96
CA CYS A 27 1.17 9.82 -7.64
C CYS A 27 1.21 9.64 -6.14
N GLY A 28 0.79 8.46 -5.69
CA GLY A 28 0.79 8.14 -4.26
C GLY A 28 2.07 7.40 -3.92
N GLY A 29 2.19 7.07 -2.63
CA GLY A 29 3.31 6.28 -2.07
C GLY A 29 2.82 5.72 -0.72
N THR A 30 3.55 4.74 -0.19
CA THR A 30 3.27 4.18 1.11
C THR A 30 4.54 4.35 1.95
N ILE A 31 4.40 4.85 3.17
CA ILE A 31 5.55 4.95 4.07
C ILE A 31 5.91 3.56 4.59
N LEU A 32 7.17 3.16 4.39
CA LEU A 32 7.66 1.88 4.88
C LEU A 32 8.50 2.01 6.14
N SER A 33 9.16 3.16 6.30
CA SER A 33 10.06 3.39 7.42
C SER A 33 10.44 4.87 7.40
N GLU A 34 11.27 5.29 8.34
CA GLU A 34 11.63 6.70 8.44
C GLU A 34 12.38 7.21 7.19
N PHE A 35 13.09 6.30 6.51
CA PHE A 35 13.81 6.66 5.29
C PHE A 35 13.19 6.21 3.96
N TYR A 36 12.28 5.23 3.98
CA TYR A 36 11.79 4.67 2.71
C TYR A 36 10.32 4.81 2.35
N ILE A 37 10.07 5.09 1.08
CA ILE A 37 8.73 5.20 0.50
C ILE A 37 8.62 4.16 -0.62
N LEU A 38 7.50 3.46 -0.66
CA LEU A 38 7.18 2.52 -1.71
C LEU A 38 6.29 3.20 -2.73
N THR A 39 6.62 3.06 -4.02
CA THR A 39 5.75 3.64 -5.06
C THR A 39 5.81 2.76 -6.32
N ALA A 40 5.18 3.21 -7.40
CA ALA A 40 5.16 2.45 -8.64
C ALA A 40 6.28 2.92 -9.55
N ALA A 41 6.91 2.00 -10.24
CA ALA A 41 8.02 2.33 -11.16
C ALA A 41 7.60 3.36 -12.21
N HIS A 42 6.35 3.26 -12.67
CA HIS A 42 5.84 4.13 -13.73
C HIS A 42 5.62 5.57 -13.32
N CYS A 43 5.61 5.84 -12.01
CA CYS A 43 5.47 7.21 -11.52
C CYS A 43 6.73 8.04 -11.72
N LEU A 44 7.85 7.36 -11.95
CA LEU A 44 9.15 8.02 -12.10
C LEU A 44 9.34 8.62 -13.51
N TYR A 45 8.26 8.63 -14.28
CA TYR A 45 8.24 9.17 -15.63
C TYR A 45 7.30 10.37 -15.73
N GLN A 46 6.64 10.70 -14.61
CA GLN A 46 5.61 11.75 -14.60
C GLN A 46 6.03 13.15 -14.14
N ALA A 47 7.32 13.33 -13.87
CA ALA A 47 7.89 14.63 -13.44
C ALA A 47 9.41 14.52 -13.40
N LYS A 48 10.10 15.57 -13.82
CA LYS A 48 11.57 15.59 -13.81
C LYS A 48 12.13 15.63 -12.39
N ARG A 49 11.56 16.50 -11.55
CA ARG A 49 11.98 16.64 -10.17
C ARG A 49 10.74 16.56 -9.28
N PHE A 50 10.83 15.75 -8.23
CA PHE A 50 9.70 15.62 -7.32
C PHE A 50 10.14 15.45 -5.87
N LYS A 51 9.23 15.78 -4.96
CA LYS A 51 9.47 15.57 -3.54
C LYS A 51 8.35 14.68 -2.99
N VAL A 52 8.43 14.33 -1.70
CA VAL A 52 7.38 13.52 -1.06
C VAL A 52 6.72 14.27 0.10
N ARG A 53 5.38 14.30 0.13
CA ARG A 53 4.72 14.93 1.25
C ARG A 53 3.98 13.86 2.07
N VAL A 54 4.08 13.98 3.39
CA VAL A 54 3.44 13.07 4.32
C VAL A 54 2.60 13.87 5.32
N GLY A 55 1.67 13.19 5.98
CA GLY A 55 0.86 13.81 7.05
C GLY A 55 -0.14 14.85 6.57
N ASP A 56 -0.63 14.67 5.35
CA ASP A 56 -1.59 15.61 4.80
C ASP A 56 -2.92 14.89 4.53
N ARG A 57 -4.04 15.51 4.91
CA ARG A 57 -5.36 14.95 4.61
C ARG A 57 -6.22 15.91 3.77
N ASN A 58 -5.88 17.20 3.82
CA ASN A 58 -6.61 18.26 3.09
C ASN A 58 -5.62 19.20 2.40
N THR A 59 -5.57 19.16 1.06
CA THR A 59 -4.59 19.99 0.34
C THR A 59 -4.91 21.50 0.32
N GLU A 60 -5.99 21.91 0.97
CA GLU A 60 -6.40 23.32 1.00
C GLU A 60 -6.36 24.01 2.37
N GLN A 61 -5.71 23.39 3.34
CA GLN A 61 -5.57 23.95 4.70
C GLN A 61 -4.33 23.39 5.37
N GLU A 62 -3.71 24.17 6.27
N GLU A 62 -3.72 24.17 6.27
CA GLU A 62 -2.55 23.68 7.02
CA GLU A 62 -2.58 23.70 7.05
C GLU A 62 -3.02 23.06 8.33
C GLU A 62 -3.09 23.06 8.33
N GLU A 63 -3.03 21.74 8.39
CA GLU A 63 -3.51 20.98 9.55
C GLU A 63 -2.44 20.88 10.64
N GLY A 64 -1.19 21.17 10.27
CA GLY A 64 -0.06 21.15 11.20
C GLY A 64 0.79 19.90 11.20
N GLY A 65 0.31 18.84 10.57
CA GLY A 65 1.07 17.60 10.53
C GLY A 65 1.89 17.37 9.27
N GLU A 66 1.72 18.25 8.27
CA GLU A 66 2.37 18.09 6.96
C GLU A 66 3.90 18.19 7.01
N ALA A 67 4.59 17.37 6.21
CA ALA A 67 6.03 17.44 6.10
C ALA A 67 6.44 17.06 4.68
N VAL A 68 7.29 17.89 4.08
CA VAL A 68 7.80 17.64 2.74
C VAL A 68 9.23 17.12 2.89
N HIS A 69 9.56 16.08 2.10
CA HIS A 69 10.88 15.44 2.14
C HIS A 69 11.51 15.33 0.78
N GLU A 70 12.79 15.71 0.69
CA GLU A 70 13.50 15.53 -0.59
C GLU A 70 13.94 14.06 -0.77
N VAL A 71 14.03 13.64 -2.03
CA VAL A 71 14.46 12.29 -2.34
C VAL A 71 15.97 12.24 -2.59
N GLU A 72 16.64 11.33 -1.89
CA GLU A 72 18.08 11.11 -2.04
C GLU A 72 18.40 10.05 -3.10
N VAL A 73 17.65 8.94 -3.10
CA VAL A 73 17.91 7.83 -4.01
C VAL A 73 16.59 7.28 -4.55
N VAL A 74 16.51 7.08 -5.87
CA VAL A 74 15.37 6.42 -6.49
C VAL A 74 15.82 5.01 -6.89
N ILE A 75 15.09 3.99 -6.42
CA ILE A 75 15.43 2.60 -6.73
C ILE A 75 14.27 1.96 -7.50
N LYS A 76 14.40 1.98 -8.82
CA LYS A 76 13.39 1.41 -9.73
C LYS A 76 13.73 -0.05 -9.99
N HIS A 77 12.70 -0.88 -10.18
CA HIS A 77 12.97 -2.27 -10.52
C HIS A 77 13.60 -2.31 -11.88
N ASN A 78 14.73 -3.00 -12.01
CA ASN A 78 15.47 -3.06 -13.28
C ASN A 78 14.78 -3.85 -14.38
N ARG A 79 13.69 -4.54 -14.06
CA ARG A 79 12.94 -5.31 -15.07
C ARG A 79 11.67 -4.63 -15.49
N PHE A 80 11.42 -3.42 -14.98
CA PHE A 80 10.23 -2.66 -15.38
C PHE A 80 10.40 -2.07 -16.76
N THR A 81 9.32 -2.10 -17.54
CA THR A 81 9.28 -1.45 -18.85
C THR A 81 7.86 -0.91 -18.98
N LYS A 82 7.74 0.25 -19.62
CA LYS A 82 6.45 0.89 -19.85
C LYS A 82 5.54 0.07 -20.78
N GLU A 83 6.16 -0.78 -21.60
CA GLU A 83 5.44 -1.59 -22.59
C GLU A 83 4.46 -2.59 -21.98
N THR A 84 4.85 -3.19 -20.87
CA THR A 84 4.05 -4.24 -20.22
C THR A 84 3.50 -3.83 -18.87
N TYR A 85 4.16 -2.87 -18.22
CA TYR A 85 3.81 -2.44 -16.85
C TYR A 85 4.11 -3.52 -15.82
N ASP A 86 4.91 -4.49 -16.23
CA ASP A 86 5.34 -5.56 -15.36
C ASP A 86 6.42 -5.00 -14.43
N PHE A 87 6.63 -5.65 -13.27
CA PHE A 87 7.65 -5.20 -12.30
C PHE A 87 7.49 -3.71 -11.96
N ASP A 88 6.22 -3.28 -11.82
CA ASP A 88 5.88 -1.89 -11.55
C ASP A 88 6.04 -1.54 -10.06
N ILE A 89 7.29 -1.29 -9.68
CA ILE A 89 7.63 -1.04 -8.27
C ILE A 89 8.96 -0.28 -8.18
N ALA A 90 9.03 0.62 -7.20
CA ALA A 90 10.22 1.40 -6.94
C ALA A 90 10.20 1.73 -5.45
N VAL A 91 11.39 1.90 -4.87
CA VAL A 91 11.54 2.39 -3.50
C VAL A 91 12.32 3.72 -3.60
N LEU A 92 12.02 4.64 -2.70
CA LEU A 92 12.65 5.94 -2.63
C LEU A 92 13.29 6.09 -1.26
N ARG A 93 14.56 6.48 -1.23
CA ARG A 93 15.22 6.77 0.03
C ARG A 93 15.20 8.28 0.17
N LEU A 94 14.73 8.76 1.33
CA LEU A 94 14.63 10.18 1.60
C LEU A 94 15.93 10.74 2.18
N LYS A 95 16.19 12.00 1.85
CA LYS A 95 17.39 12.73 2.34
C LYS A 95 17.33 12.89 3.86
N THR A 96 16.13 13.18 4.39
CA THR A 96 15.91 13.33 5.86
C THR A 96 14.86 12.32 6.39
N PRO A 97 15.01 11.82 7.64
CA PRO A 97 14.06 10.83 8.16
C PRO A 97 12.69 11.43 8.48
N ILE A 98 11.64 10.64 8.25
CA ILE A 98 10.28 11.08 8.58
C ILE A 98 10.13 10.98 10.08
N THR A 99 9.63 12.06 10.69
CA THR A 99 9.36 12.05 12.12
C THR A 99 7.91 11.57 12.26
N PHE A 100 7.71 10.41 12.84
CA PHE A 100 6.34 9.89 12.99
C PHE A 100 5.55 10.70 13.99
N ARG A 101 4.23 10.77 13.80
CA ARG A 101 3.33 11.56 14.66
C ARG A 101 1.89 11.29 14.21
N MET A 102 0.94 12.08 14.70
CA MET A 102 -0.44 11.94 14.24
C MET A 102 -0.47 12.07 12.72
N ASN A 103 -1.12 11.09 12.05
CA ASN A 103 -1.21 11.03 10.58
C ASN A 103 0.09 10.70 9.81
N VAL A 104 1.12 10.26 10.52
CA VAL A 104 2.39 9.92 9.87
C VAL A 104 2.97 8.69 10.57
N ALA A 105 2.82 7.51 9.96
CA ALA A 105 3.35 6.26 10.50
C ALA A 105 3.53 5.25 9.37
N PRO A 106 4.42 4.25 9.54
CA PRO A 106 4.60 3.31 8.44
C PRO A 106 3.58 2.19 8.40
N ALA A 107 3.34 1.62 7.21
CA ALA A 107 2.52 0.39 7.09
C ALA A 107 3.50 -0.77 7.33
N CYS A 108 3.02 -1.91 7.84
CA CYS A 108 3.90 -3.09 8.05
C CYS A 108 4.14 -3.88 6.76
N LEU A 109 5.38 -4.35 6.59
CA LEU A 109 5.70 -5.26 5.49
C LEU A 109 5.46 -6.69 6.00
N PRO A 110 4.63 -7.50 5.29
CA PRO A 110 4.33 -8.84 5.79
C PRO A 110 5.35 -9.86 5.28
N GLU A 111 5.26 -11.10 5.76
CA GLU A 111 6.07 -12.20 5.20
C GLU A 111 5.29 -12.77 4.02
N ARG A 112 5.97 -13.20 2.96
CA ARG A 112 5.29 -13.68 1.76
C ARG A 112 4.25 -14.79 1.95
N ASP A 113 4.68 -15.95 2.43
CA ASP A 113 3.78 -17.08 2.53
C ASP A 113 2.55 -16.76 3.36
N TRP A 114 2.79 -16.13 4.52
CA TRP A 114 1.67 -15.77 5.40
C TRP A 114 0.74 -14.78 4.75
N ALA A 115 1.30 -13.77 4.09
CA ALA A 115 0.44 -12.77 3.42
C ALA A 115 -0.43 -13.37 2.29
N GLU A 116 0.16 -14.27 1.51
CA GLU A 116 -0.58 -14.87 0.40
C GLU A 116 -1.67 -15.82 0.88
N SER A 117 -1.38 -16.58 1.93
N SER A 117 -1.39 -16.57 1.94
CA SER A 117 -2.34 -17.53 2.51
CA SER A 117 -2.34 -17.52 2.48
C SER A 117 -3.41 -16.85 3.36
C SER A 117 -3.39 -16.88 3.41
N THR A 118 -3.00 -15.82 4.11
CA THR A 118 -3.90 -15.20 5.10
C THR A 118 -4.45 -13.80 4.79
N LEU A 119 -3.61 -12.91 4.29
CA LEU A 119 -4.08 -11.54 3.96
C LEU A 119 -4.78 -11.48 2.61
N MET A 120 -4.16 -12.07 1.60
CA MET A 120 -4.72 -12.02 0.24
C MET A 120 -5.97 -12.91 0.06
N THR A 121 -6.30 -13.66 1.10
CA THR A 121 -7.51 -14.48 1.10
C THR A 121 -8.61 -13.84 1.95
N GLN A 122 -8.37 -12.64 2.47
CA GLN A 122 -9.40 -11.89 3.21
C GLN A 122 -10.38 -11.39 2.14
N LYS A 123 -11.55 -10.93 2.58
CA LYS A 123 -12.56 -10.44 1.65
C LYS A 123 -12.07 -9.21 0.91
N THR A 124 -11.48 -8.28 1.65
CA THR A 124 -11.09 -6.98 1.11
C THR A 124 -9.72 -6.46 1.54
N GLY A 125 -9.27 -5.46 0.80
CA GLY A 125 -8.09 -4.65 1.07
C GLY A 125 -8.54 -3.20 1.08
N ILE A 126 -7.62 -2.27 1.37
CA ILE A 126 -7.98 -0.85 1.40
C ILE A 126 -7.01 -0.05 0.53
N VAL A 127 -7.56 0.73 -0.38
CA VAL A 127 -6.77 1.60 -1.24
C VAL A 127 -7.04 3.06 -0.80
N SER A 128 -6.05 3.94 -0.97
CA SER A 128 -6.23 5.33 -0.57
C SER A 128 -5.49 6.29 -1.51
N GLY A 129 -5.89 7.55 -1.51
CA GLY A 129 -5.23 8.53 -2.33
C GLY A 129 -5.96 9.83 -2.48
N PHE A 130 -5.29 10.76 -3.16
CA PHE A 130 -5.81 12.09 -3.46
C PHE A 130 -6.28 12.19 -4.92
N GLY A 131 -6.34 11.04 -5.61
CA GLY A 131 -6.69 11.02 -7.03
C GLY A 131 -8.12 11.40 -7.39
N ARG A 132 -8.44 11.33 -8.68
CA ARG A 132 -9.76 11.69 -9.18
C ARG A 132 -10.93 10.97 -8.51
N THR A 133 -12.01 11.71 -8.38
CA THR A 133 -13.25 11.26 -7.75
C THR A 133 -14.21 10.63 -8.78
N HIS A 134 -13.89 10.84 -10.05
CA HIS A 134 -14.63 10.31 -11.21
C HIS A 134 -13.60 10.24 -12.29
N GLU A 135 -13.79 9.36 -13.26
CA GLU A 135 -12.82 9.24 -14.36
C GLU A 135 -12.67 10.56 -15.11
N LYS A 136 -13.75 11.33 -15.20
CA LYS A 136 -13.78 12.60 -15.93
C LYS A 136 -13.90 13.82 -15.00
N GLY A 137 -13.24 13.76 -13.85
CA GLY A 137 -13.28 14.85 -12.87
C GLY A 137 -11.92 15.37 -12.44
N ARG A 138 -11.91 16.19 -11.40
CA ARG A 138 -10.67 16.75 -10.86
C ARG A 138 -10.12 15.85 -9.76
N GLN A 139 -8.88 16.13 -9.36
CA GLN A 139 -8.29 15.40 -8.25
C GLN A 139 -8.95 15.83 -6.95
N SER A 140 -8.94 14.94 -5.97
CA SER A 140 -9.53 15.23 -4.69
C SER A 140 -8.62 16.12 -3.85
N THR A 141 -9.21 17.08 -3.15
CA THR A 141 -8.44 17.90 -2.22
C THR A 141 -8.46 17.24 -0.84
N ARG A 142 -9.11 16.09 -0.75
CA ARG A 142 -9.23 15.36 0.51
C ARG A 142 -8.71 13.96 0.32
N LEU A 143 -7.93 13.48 1.29
CA LEU A 143 -7.44 12.10 1.22
C LEU A 143 -8.63 11.16 1.39
N LYS A 144 -8.79 10.22 0.47
CA LYS A 144 -9.89 9.26 0.56
C LYS A 144 -9.39 7.83 0.69
N MET A 145 -10.25 6.96 1.23
CA MET A 145 -9.95 5.54 1.34
C MET A 145 -11.15 4.74 0.82
N LEU A 146 -10.88 3.54 0.33
CA LEU A 146 -11.91 2.69 -0.25
C LEU A 146 -11.65 1.23 0.02
N GLU A 147 -12.66 0.53 0.53
CA GLU A 147 -12.56 -0.91 0.73
C GLU A 147 -12.75 -1.55 -0.66
N VAL A 148 -11.76 -2.33 -1.13
CA VAL A 148 -11.86 -3.01 -2.42
C VAL A 148 -11.74 -4.54 -2.26
N PRO A 149 -12.76 -5.30 -2.72
CA PRO A 149 -12.71 -6.76 -2.61
C PRO A 149 -11.56 -7.35 -3.41
N TYR A 150 -10.97 -8.43 -2.89
CA TYR A 150 -9.99 -9.17 -3.68
C TYR A 150 -10.79 -9.83 -4.82
N VAL A 151 -10.24 -9.84 -6.02
CA VAL A 151 -10.94 -10.42 -7.17
C VAL A 151 -10.27 -11.73 -7.58
N ASP A 152 -11.10 -12.74 -7.80
CA ASP A 152 -10.64 -14.05 -8.28
C ASP A 152 -9.79 -13.83 -9.53
N ARG A 153 -8.59 -14.42 -9.51
CA ARG A 153 -7.59 -14.24 -10.55
C ARG A 153 -8.02 -14.65 -11.97
N ASN A 154 -8.79 -15.74 -12.06
CA ASN A 154 -9.32 -16.16 -13.36
C ASN A 154 -10.27 -15.08 -13.92
N SER A 155 -11.22 -14.66 -13.09
CA SER A 155 -12.19 -13.62 -13.49
C SER A 155 -11.48 -12.34 -13.93
N CYS A 156 -10.41 -11.98 -13.23
CA CYS A 156 -9.68 -10.79 -13.61
C CYS A 156 -9.02 -10.93 -14.97
N LYS A 157 -8.41 -12.08 -15.23
CA LYS A 157 -7.71 -12.32 -16.50
C LYS A 157 -8.66 -12.29 -17.68
N LEU A 158 -9.88 -12.79 -17.46
CA LEU A 158 -10.89 -12.80 -18.53
C LEU A 158 -11.45 -11.41 -18.81
N SER A 159 -11.51 -10.57 -17.78
CA SER A 159 -12.02 -9.19 -17.93
C SER A 159 -11.00 -8.22 -18.55
N SER A 160 -9.73 -8.59 -18.53
CA SER A 160 -8.65 -7.70 -18.98
C SER A 160 -8.26 -7.80 -20.45
N SER A 161 -8.04 -6.62 -21.05
CA SER A 161 -7.60 -6.49 -22.43
C SER A 161 -6.07 -6.51 -22.55
N PHE A 162 -5.38 -6.59 -21.40
CA PHE A 162 -3.92 -6.62 -21.37
C PHE A 162 -3.46 -7.85 -20.56
N ILE A 163 -2.20 -8.26 -20.70
CA ILE A 163 -1.68 -9.41 -19.95
C ILE A 163 -1.51 -9.08 -18.45
N ILE A 164 -2.15 -9.88 -17.59
CA ILE A 164 -2.02 -9.77 -16.14
C ILE A 164 -0.89 -10.73 -15.80
N THR A 165 0.26 -10.20 -15.40
CA THR A 165 1.42 -11.05 -15.13
C THR A 165 1.35 -11.61 -13.71
N GLN A 166 2.32 -12.45 -13.37
CA GLN A 166 2.44 -13.03 -12.03
C GLN A 166 2.73 -11.95 -10.98
N ASN A 167 3.09 -10.75 -11.45
CA ASN A 167 3.47 -9.64 -10.59
C ASN A 167 2.32 -8.65 -10.34
N MET A 168 1.12 -9.06 -10.73
CA MET A 168 -0.07 -8.23 -10.62
C MET A 168 -1.21 -9.02 -10.00
N PHE A 169 -2.15 -8.29 -9.40
CA PHE A 169 -3.38 -8.89 -8.87
C PHE A 169 -4.51 -7.88 -9.03
N CYS A 170 -5.74 -8.36 -8.95
CA CYS A 170 -6.89 -7.50 -9.16
C CYS A 170 -7.75 -7.30 -7.94
N ALA A 171 -8.26 -6.09 -7.79
CA ALA A 171 -9.17 -5.77 -6.69
C ALA A 171 -10.20 -4.75 -7.14
N GLY A 172 -11.36 -4.76 -6.52
CA GLY A 172 -12.39 -3.78 -6.89
C GLY A 172 -13.70 -4.44 -7.22
N TYR A 173 -14.49 -3.77 -8.06
CA TYR A 173 -15.84 -4.20 -8.38
C TYR A 173 -16.14 -4.33 -9.86
N ASP A 174 -17.00 -5.29 -10.16
CA ASP A 174 -17.47 -5.55 -11.52
C ASP A 174 -18.18 -4.30 -12.06
N THR A 175 -19.28 -3.93 -11.43
CA THR A 175 -20.07 -2.79 -11.87
C THR A 175 -20.21 -1.68 -10.83
N LYS A 176 -20.17 -2.02 -9.54
CA LYS A 176 -20.28 -1.00 -8.48
C LYS A 176 -19.31 0.15 -8.80
N GLN A 177 -19.78 1.37 -8.58
CA GLN A 177 -19.05 2.59 -8.96
C GLN A 177 -17.91 3.03 -8.04
N GLU A 178 -17.05 2.08 -7.65
CA GLU A 178 -15.93 2.37 -6.76
C GLU A 178 -14.62 1.80 -7.29
N ASP A 179 -13.57 2.60 -7.21
CA ASP A 179 -12.27 2.22 -7.74
C ASP A 179 -11.25 3.29 -7.37
N ALA A 180 -9.98 2.95 -7.57
CA ALA A 180 -8.90 3.93 -7.49
C ALA A 180 -8.99 4.64 -8.85
N CYS A 181 -8.27 5.75 -9.02
CA CYS A 181 -8.29 6.47 -10.30
C CYS A 181 -7.01 7.27 -10.55
N GLN A 182 -7.05 8.15 -11.55
N GLN A 182 -7.06 8.14 -11.56
CA GLN A 182 -5.93 9.00 -11.94
CA GLN A 182 -5.92 8.98 -11.94
C GLN A 182 -5.37 9.78 -10.74
C GLN A 182 -5.36 9.79 -10.77
N GLY A 183 -4.07 9.64 -10.51
CA GLY A 183 -3.42 10.35 -9.39
C GLY A 183 -3.22 9.50 -8.13
N ASP A 184 -3.90 8.35 -8.08
CA ASP A 184 -3.80 7.40 -6.96
C ASP A 184 -2.69 6.41 -7.19
N SER A 185 -2.27 6.25 -8.46
CA SER A 185 -1.27 5.23 -8.79
C SER A 185 0.00 5.45 -7.97
N GLY A 186 0.63 4.34 -7.59
CA GLY A 186 1.81 4.35 -6.72
C GLY A 186 1.43 4.31 -5.23
N GLY A 187 0.16 4.58 -4.94
CA GLY A 187 -0.37 4.62 -3.55
C GLY A 187 -0.56 3.27 -2.86
N PRO A 188 -1.05 3.30 -1.61
CA PRO A 188 -1.15 2.07 -0.85
C PRO A 188 -2.37 1.20 -1.12
N HIS A 189 -2.13 -0.11 -1.12
CA HIS A 189 -3.19 -1.12 -1.02
C HIS A 189 -2.74 -1.83 0.23
N VAL A 190 -3.52 -1.70 1.30
CA VAL A 190 -3.21 -2.38 2.58
C VAL A 190 -4.33 -3.34 2.98
N THR A 191 -3.99 -4.33 3.80
CA THR A 191 -4.97 -5.34 4.26
C THR A 191 -4.85 -5.39 5.75
N ARG A 192 -6.00 -5.33 6.40
CA ARG A 192 -6.12 -5.32 7.84
C ARG A 192 -6.22 -6.74 8.40
N PHE A 193 -5.53 -6.98 9.51
CA PHE A 193 -5.57 -8.28 10.19
C PHE A 193 -5.36 -7.97 11.67
N LYS A 194 -6.36 -8.31 12.49
CA LYS A 194 -6.31 -7.98 13.93
C LYS A 194 -5.84 -6.54 14.22
N ASP A 195 -6.51 -5.59 13.59
CA ASP A 195 -6.25 -4.16 13.78
C ASP A 195 -4.84 -3.70 13.39
N THR A 196 -4.14 -4.46 12.54
CA THR A 196 -2.83 -4.05 12.05
C THR A 196 -2.87 -4.09 10.52
N TYR A 197 -2.34 -3.05 9.89
CA TYR A 197 -2.43 -2.88 8.47
C TYR A 197 -1.09 -3.18 7.80
N PHE A 198 -1.14 -4.11 6.86
CA PHE A 198 0.01 -4.63 6.14
C PHE A 198 -0.04 -4.24 4.66
N VAL A 199 1.09 -3.80 4.12
CA VAL A 199 1.19 -3.49 2.69
C VAL A 199 0.95 -4.73 1.85
N THR A 200 -0.07 -4.73 1.00
CA THR A 200 -0.33 -5.86 0.14
C THR A 200 -0.28 -5.50 -1.36
N GLY A 201 -0.31 -4.22 -1.68
CA GLY A 201 -0.28 -3.83 -3.10
C GLY A 201 0.08 -2.38 -3.35
N ILE A 202 0.38 -2.07 -4.62
CA ILE A 202 0.68 -0.72 -5.06
C ILE A 202 -0.30 -0.44 -6.19
N VAL A 203 -1.02 0.70 -6.11
CA VAL A 203 -1.97 1.11 -7.16
C VAL A 203 -1.16 1.21 -8.47
N SER A 204 -1.51 0.38 -9.46
CA SER A 204 -0.68 0.29 -10.68
C SER A 204 -1.40 0.80 -11.93
N TRP A 205 -2.47 0.12 -12.33
CA TRP A 205 -3.20 0.53 -13.54
C TRP A 205 -4.63 0.08 -13.62
N GLY A 206 -5.36 0.66 -14.58
CA GLY A 206 -6.74 0.28 -14.79
C GLY A 206 -7.16 0.69 -16.18
N GLU A 207 -8.17 0.01 -16.72
CA GLU A 207 -8.71 0.40 -18.02
C GLU A 207 -9.82 1.40 -17.70
N GLY A 208 -9.40 2.63 -17.40
CA GLY A 208 -10.32 3.69 -16.98
C GLY A 208 -10.42 3.67 -15.46
N CYS A 209 -11.55 4.12 -14.94
CA CYS A 209 -11.80 4.12 -13.50
C CYS A 209 -13.22 3.69 -13.23
N ALA A 210 -13.38 2.61 -12.47
CA ALA A 210 -14.71 2.09 -12.06
C ALA A 210 -15.62 1.65 -13.20
N ARG A 211 -15.03 1.30 -14.35
CA ARG A 211 -15.82 0.82 -15.49
C ARG A 211 -16.44 -0.55 -15.23
N LYS A 212 -17.58 -0.78 -15.90
CA LYS A 212 -18.28 -2.05 -15.81
C LYS A 212 -17.45 -3.16 -16.46
N GLY A 213 -17.38 -4.29 -15.77
CA GLY A 213 -16.59 -5.42 -16.25
C GLY A 213 -15.09 -5.22 -16.19
N LYS A 214 -14.65 -4.20 -15.45
CA LYS A 214 -13.21 -3.90 -15.30
C LYS A 214 -12.82 -3.71 -13.82
N TYR A 215 -11.62 -4.14 -13.46
CA TYR A 215 -11.12 -3.97 -12.09
C TYR A 215 -9.81 -3.18 -12.01
N GLY A 216 -9.42 -2.80 -10.80
CA GLY A 216 -8.12 -2.13 -10.59
C GLY A 216 -7.00 -3.16 -10.53
N ILE A 217 -5.88 -2.84 -11.17
CA ILE A 217 -4.75 -3.75 -11.17
C ILE A 217 -3.63 -3.19 -10.28
N TYR A 218 -3.19 -4.04 -9.36
CA TYR A 218 -2.20 -3.68 -8.36
C TYR A 218 -0.94 -4.51 -8.47
N THR A 219 0.20 -3.90 -8.21
CA THR A 219 1.46 -4.63 -8.14
C THR A 219 1.38 -5.58 -6.94
N LYS A 220 1.68 -6.85 -7.17
CA LYS A 220 1.62 -7.86 -6.12
C LYS A 220 2.86 -7.73 -5.26
N VAL A 221 2.73 -6.93 -4.20
CA VAL A 221 3.84 -6.64 -3.28
C VAL A 221 4.53 -7.90 -2.73
N THR A 222 3.75 -8.95 -2.46
CA THR A 222 4.29 -10.19 -1.89
C THR A 222 5.35 -10.86 -2.78
N ALA A 223 5.28 -10.61 -4.08
CA ALA A 223 6.29 -11.16 -5.00
C ALA A 223 7.62 -10.40 -4.91
N PHE A 224 7.59 -9.22 -4.29
CA PHE A 224 8.76 -8.33 -4.19
C PHE A 224 9.36 -8.08 -2.79
N LEU A 225 8.99 -8.90 -1.80
CA LEU A 225 9.49 -8.70 -0.43
C LEU A 225 11.01 -8.78 -0.24
N LYS A 226 11.66 -9.73 -0.90
CA LYS A 226 13.11 -9.83 -0.86
C LYS A 226 13.72 -8.62 -1.56
N TRP A 227 13.11 -8.21 -2.67
CA TRP A 227 13.57 -7.04 -3.44
C TRP A 227 13.45 -5.75 -2.66
N ILE A 228 12.30 -5.54 -2.03
CA ILE A 228 12.12 -4.38 -1.15
C ILE A 228 13.21 -4.42 -0.04
N ASP A 229 13.37 -5.57 0.63
CA ASP A 229 14.35 -5.70 1.73
C ASP A 229 15.75 -5.30 1.27
N ARG A 230 16.15 -5.76 0.08
CA ARG A 230 17.46 -5.44 -0.50
C ARG A 230 17.60 -3.96 -0.78
N SER A 231 16.58 -3.37 -1.40
CA SER A 231 16.54 -1.95 -1.72
C SER A 231 16.62 -1.03 -0.49
N MET A 232 16.05 -1.47 0.63
CA MET A 232 16.04 -0.69 1.86
C MET A 232 17.33 -0.81 2.68
N LYS A 233 18.30 -1.55 2.16
CA LYS A 233 19.61 -1.67 2.85
C LYS A 233 20.67 -0.90 2.08
N THR A 234 20.33 -0.54 0.84
CA THR A 234 21.22 0.24 -0.02
C THR A 234 20.42 1.33 -0.75
N ARG B 81 -9.22 -27.70 9.11
CA ARG B 81 -8.35 -26.55 9.48
C ARG B 81 -7.47 -26.90 10.68
N LYS B 82 -6.16 -26.95 10.46
CA LYS B 82 -5.20 -27.28 11.53
C LYS B 82 -4.05 -26.26 11.60
N LEU B 83 -3.40 -26.19 12.75
CA LEU B 83 -2.27 -25.28 12.99
C LEU B 83 -2.57 -23.87 12.45
N CYS B 84 -1.73 -23.33 11.56
CA CYS B 84 -1.92 -21.96 11.01
C CYS B 84 -3.22 -21.71 10.25
N SER B 85 -3.81 -22.75 9.67
CA SER B 85 -5.08 -22.56 8.95
C SER B 85 -6.26 -22.50 9.92
N LEU B 86 -6.00 -22.85 11.18
CA LEU B 86 -7.01 -22.79 12.23
C LEU B 86 -6.86 -21.48 13.01
N ASP B 87 -7.68 -20.48 12.64
CA ASP B 87 -7.66 -19.15 13.27
C ASP B 87 -6.24 -18.58 13.42
N ASN B 88 -5.45 -18.65 12.35
CA ASN B 88 -4.06 -18.12 12.34
C ASN B 88 -3.16 -18.68 13.44
N GLY B 89 -3.46 -19.88 13.90
CA GLY B 89 -2.67 -20.57 14.94
C GLY B 89 -2.62 -19.81 16.26
N ASP B 90 -3.65 -18.99 16.51
CA ASP B 90 -3.76 -18.13 17.72
C ASP B 90 -2.72 -16.97 17.73
N CYS B 91 -1.98 -16.80 16.63
CA CYS B 91 -0.95 -15.75 16.50
C CYS B 91 -1.53 -14.37 16.22
N ASP B 92 -0.90 -13.31 16.75
CA ASP B 92 -1.31 -11.94 16.45
C ASP B 92 -1.00 -11.59 15.00
N GLN B 93 0.18 -12.01 14.55
CA GLN B 93 0.67 -11.66 13.21
C GLN B 93 1.09 -12.88 12.40
N PHE B 94 2.39 -13.04 12.12
CA PHE B 94 2.83 -14.14 11.25
C PHE B 94 2.71 -15.52 11.92
N CYS B 95 2.21 -16.49 11.15
CA CYS B 95 2.11 -17.86 11.62
C CYS B 95 2.89 -18.77 10.67
N HIS B 96 3.69 -19.67 11.25
CA HIS B 96 4.46 -20.67 10.51
C HIS B 96 4.28 -22.03 11.14
N GLU B 97 4.30 -23.09 10.32
CA GLU B 97 4.16 -24.45 10.83
C GLU B 97 5.50 -25.14 10.72
N GLU B 98 6.13 -25.40 11.85
CA GLU B 98 7.41 -26.10 11.91
C GLU B 98 7.24 -27.42 12.67
N GLN B 99 7.67 -28.51 12.05
CA GLN B 99 7.67 -29.83 12.67
C GLN B 99 6.30 -30.13 13.31
N ASN B 100 5.25 -29.93 12.53
CA ASN B 100 3.88 -30.19 12.95
C ASN B 100 3.34 -29.28 14.08
N SER B 101 3.97 -28.13 14.29
CA SER B 101 3.50 -27.19 15.31
C SER B 101 3.59 -25.72 14.87
N VAL B 102 2.73 -24.89 15.45
CA VAL B 102 2.67 -23.46 15.14
C VAL B 102 3.83 -22.66 15.75
N VAL B 103 4.40 -21.77 14.96
CA VAL B 103 5.40 -20.84 15.44
C VAL B 103 4.99 -19.42 15.01
N CYS B 104 4.74 -18.54 15.97
CA CYS B 104 4.29 -17.16 15.69
C CYS B 104 5.49 -16.23 15.63
N SER B 105 5.40 -15.17 14.83
CA SER B 105 6.42 -14.15 14.74
C SER B 105 5.74 -12.80 14.47
N CYS B 106 6.52 -11.73 14.44
CA CYS B 106 5.99 -10.37 14.36
C CYS B 106 6.76 -9.53 13.35
N ALA B 107 6.12 -8.46 12.87
CA ALA B 107 6.74 -7.50 11.92
C ALA B 107 7.84 -6.74 12.66
N ARG B 108 8.79 -6.17 11.90
CA ARG B 108 9.85 -5.38 12.51
C ARG B 108 9.23 -4.27 13.33
N GLY B 109 9.76 -4.03 14.51
CA GLY B 109 9.21 -3.00 15.37
C GLY B 109 8.29 -3.59 16.43
N TYR B 110 8.07 -4.89 16.39
CA TYR B 110 7.30 -5.58 17.41
C TYR B 110 8.14 -6.70 18.01
N THR B 111 7.91 -7.04 19.28
CA THR B 111 8.57 -8.20 19.86
C THR B 111 7.49 -9.20 20.25
N LEU B 112 7.80 -10.49 20.11
CA LEU B 112 6.87 -11.54 20.48
C LEU B 112 6.79 -11.60 22.01
N ALA B 113 5.57 -11.62 22.52
CA ALA B 113 5.31 -11.64 23.96
C ALA B 113 5.77 -12.96 24.58
N ASP B 114 5.77 -13.03 25.91
CA ASP B 114 6.13 -14.24 26.65
C ASP B 114 5.24 -15.43 26.31
N ASN B 115 3.98 -15.18 25.93
CA ASN B 115 3.09 -16.28 25.53
C ASN B 115 3.41 -16.89 24.14
N GLY B 116 4.40 -16.32 23.46
CA GLY B 116 4.80 -16.78 22.12
C GLY B 116 3.78 -16.57 21.02
N LYS B 117 2.85 -15.63 21.23
CA LYS B 117 1.75 -15.40 20.30
C LYS B 117 1.45 -13.93 20.01
N ALA B 118 1.32 -13.13 21.07
CA ALA B 118 1.02 -11.71 20.94
C ALA B 118 2.23 -10.93 20.47
N CYS B 119 1.99 -9.81 19.75
CA CYS B 119 3.06 -8.94 19.27
C CYS B 119 2.99 -7.61 19.99
N ILE B 120 4.09 -7.24 20.64
CA ILE B 120 4.16 -5.98 21.42
C ILE B 120 5.04 -4.95 20.72
N PRO B 121 4.49 -3.73 20.47
CA PRO B 121 5.27 -2.66 19.83
C PRO B 121 6.47 -2.29 20.69
N THR B 122 7.65 -2.16 20.08
CA THR B 122 8.89 -1.84 20.81
C THR B 122 9.06 -0.37 21.14
N GLY B 123 8.25 0.46 20.50
CA GLY B 123 8.34 1.91 20.71
C GLY B 123 7.13 2.59 20.13
N PRO B 124 7.12 3.93 20.13
CA PRO B 124 5.96 4.64 19.60
C PRO B 124 5.86 4.57 18.07
N TYR B 125 4.64 4.79 17.57
CA TYR B 125 4.31 4.74 16.16
C TYR B 125 4.76 3.46 15.45
N PRO B 126 4.34 2.29 15.97
CA PRO B 126 4.71 1.02 15.34
C PRO B 126 4.01 0.88 13.99
N CYS B 127 4.57 0.10 13.07
CA CYS B 127 3.96 -0.03 11.75
C CYS B 127 2.55 -0.59 11.83
N GLY B 128 1.73 -0.20 10.85
CA GLY B 128 0.41 -0.78 10.68
C GLY B 128 -0.65 -0.37 11.67
N LYS B 129 -0.36 0.58 12.56
CA LYS B 129 -1.35 1.07 13.50
C LYS B 129 -1.83 2.47 13.17
N GLN B 130 -3.15 2.65 13.14
CA GLN B 130 -3.72 3.98 12.96
C GLN B 130 -3.25 4.81 14.16
N THR B 131 -3.02 6.11 13.96
CA THR B 131 -2.46 6.93 15.02
C THR B 131 -3.55 7.56 15.89
N LEU B 132 -3.29 7.65 17.19
CA LEU B 132 -4.22 8.20 18.18
C LEU B 132 -3.63 9.44 18.86
#